data_5R51
#
_entry.id   5R51
#
_cell.length_a   49.652
_cell.length_b   52.311
_cell.length_c   101.840
_cell.angle_alpha   90.000
_cell.angle_beta   90.000
_cell.angle_gamma   90.000
#
_symmetry.space_group_name_H-M   'P 21 21 21'
#
loop_
_entity.id
_entity.type
_entity.pdbx_description
1 polymer 'Uridine diphosphate glucose pyrophosphatase NUDT22'
2 non-polymer '4-(1,2,3-thiadiazol-4-yl)phenyl ethylcarbamate'
3 non-polymer 'DIMETHYL SULFOXIDE'
4 water water
#
_entity_poly.entity_id   1
_entity_poly.type   'polypeptide(L)'
_entity_poly.pdbx_seq_one_letter_code
;SMDPEVTLLLQCPGGGLPQEQIQAELSPAHDRRPLPGGDEAITAIWETRLKAQPWLFDAPKFRLHSATLAPIGSRGPQLL
LRLGLTSYRDFLGTNWSSSAAWLRQQGATDWGDTQAYLADPLGVGAALATADDFLVFLRRSRQVAEAPGLVDVPGGHPEP
QALCPGGSPQHQDLAGQLVVHELFSSVLQEICDEVNLPLLTLSQPLLLGIARNETSAGRASAEFYVQCSLTSEQVRKHYL
SGGPEAHESTGIFFVETQNVRRLPETEMWAELCPSAKGAIILYNRVQGSPTGAALGSPALLPPL
;
_entity_poly.pdbx_strand_id   A
#
loop_
_chem_comp.id
_chem_comp.type
_chem_comp.name
_chem_comp.formula
DMS non-polymer 'DIMETHYL SULFOXIDE' 'C2 H6 O S'
RU4 non-polymer '4-(1,2,3-thiadiazol-4-yl)phenyl ethylcarbamate' 'C11 H11 N3 O2 S'
#
# COMPACT_ATOMS: atom_id res chain seq x y z
N ASP A 3 9.39 8.57 -12.69
N ASP A 3 8.92 9.29 -11.90
CA ASP A 3 8.58 7.39 -12.28
CA ASP A 3 8.60 7.89 -12.28
C ASP A 3 7.11 7.65 -12.57
C ASP A 3 7.10 7.77 -12.58
N PRO A 4 6.70 7.60 -13.86
CA PRO A 4 5.30 7.76 -14.22
C PRO A 4 4.35 6.73 -13.62
N GLU A 5 4.82 5.59 -13.10
CA GLU A 5 3.85 4.55 -12.68
C GLU A 5 3.46 4.76 -11.22
N VAL A 6 4.05 5.73 -10.50
CA VAL A 6 3.61 6.06 -9.10
C VAL A 6 3.49 7.58 -8.89
N THR A 7 2.40 8.02 -8.24
CA THR A 7 2.15 9.43 -7.81
C THR A 7 1.84 9.46 -6.30
N LEU A 8 2.35 10.47 -5.58
CA LEU A 8 2.11 10.63 -4.12
C LEU A 8 0.80 11.39 -3.92
N LEU A 9 -0.15 10.80 -3.24
CA LEU A 9 -1.39 11.54 -2.87
C LEU A 9 -1.17 12.28 -1.54
N LEU A 10 -0.43 11.69 -0.62
CA LEU A 10 -0.27 12.24 0.79
C LEU A 10 1.16 11.93 1.24
N GLN A 11 1.86 12.90 1.86
CA GLN A 11 3.11 12.70 2.64
C GLN A 11 2.82 13.15 4.09
N CYS A 12 2.91 12.25 5.07
CA CYS A 12 2.66 12.54 6.50
C CYS A 12 3.76 13.41 7.11
N PRO A 13 3.36 14.29 8.05
CA PRO A 13 4.29 15.05 8.86
C PRO A 13 4.79 14.33 10.11
N GLY A 14 5.80 14.94 10.74
CA GLY A 14 6.33 14.48 12.02
C GLY A 14 7.07 13.16 11.96
N GLY A 15 7.53 12.74 10.78
CA GLY A 15 8.16 11.42 10.61
C GLY A 15 7.14 10.28 10.51
N GLY A 16 5.85 10.59 10.42
CA GLY A 16 4.79 9.57 10.23
C GLY A 16 3.77 9.61 11.33
N LEU A 17 2.51 9.35 11.00
CA LEU A 17 1.41 9.47 12.03
C LEU A 17 1.09 8.14 12.71
N PRO A 18 0.96 8.13 14.06
CA PRO A 18 0.43 6.96 14.76
C PRO A 18 -1.11 6.87 14.63
N GLN A 19 -1.64 5.69 14.98
CA GLN A 19 -3.08 5.35 14.93
C GLN A 19 -3.95 6.44 15.60
N GLU A 20 -3.50 7.02 16.71
CA GLU A 20 -4.37 7.86 17.59
C GLU A 20 -4.59 9.24 16.95
N GLN A 21 -3.85 9.54 15.91
CA GLN A 21 -3.88 10.87 15.23
C GLN A 21 -4.69 10.84 13.93
N ILE A 22 -5.32 9.70 13.61
CA ILE A 22 -6.07 9.53 12.33
C ILE A 22 -7.56 9.30 12.61
N GLN A 23 -8.38 10.04 11.87
CA GLN A 23 -9.87 9.86 11.87
C GLN A 23 -10.26 9.25 10.51
N ALA A 24 -11.27 8.38 10.47
CA ALA A 24 -11.89 7.93 9.22
C ALA A 24 -13.41 8.24 9.25
N GLU A 25 -13.94 8.53 8.06
CA GLU A 25 -15.37 8.72 7.79
C GLU A 25 -15.72 7.65 6.73
N LEU A 26 -16.43 6.60 7.14
CA LEU A 26 -16.89 5.50 6.24
C LEU A 26 -18.35 5.77 5.90
N SER A 27 -18.64 6.09 4.63
CA SER A 27 -19.94 6.61 4.12
C SER A 27 -20.21 6.07 2.71
N PRO A 28 -21.49 5.72 2.38
CA PRO A 28 -21.85 5.34 1.02
C PRO A 28 -21.70 6.51 0.04
N ALA A 29 -21.51 7.75 0.52
CA ALA A 29 -21.17 8.92 -0.34
C ALA A 29 -19.78 8.78 -0.96
N HIS A 30 -18.95 7.90 -0.37
CA HIS A 30 -17.53 7.66 -0.73
C HIS A 30 -17.40 6.41 -1.64
N ASP A 31 -18.53 5.83 -2.04
CA ASP A 31 -18.54 4.64 -2.95
C ASP A 31 -18.26 5.04 -4.40
N ARG A 32 -17.88 4.07 -5.23
CA ARG A 32 -17.85 4.14 -6.71
C ARG A 32 -19.24 4.58 -7.24
N ARG A 33 -19.27 5.41 -8.29
CA ARG A 33 -20.55 5.77 -8.99
C ARG A 33 -20.95 4.61 -9.89
N PRO A 34 -22.26 4.29 -10.05
CA PRO A 34 -22.69 3.30 -11.05
C PRO A 34 -22.13 3.64 -12.44
N LEU A 35 -21.70 2.64 -13.24
CA LEU A 35 -21.13 2.89 -14.61
C LEU A 35 -22.20 3.51 -15.51
N PRO A 36 -21.81 4.37 -16.47
CA PRO A 36 -22.78 5.05 -17.33
C PRO A 36 -23.83 4.17 -18.05
N GLY A 37 -23.40 3.00 -18.54
CA GLY A 37 -24.27 2.02 -19.22
C GLY A 37 -24.81 0.96 -18.26
N GLY A 38 -24.57 1.12 -16.96
CA GLY A 38 -25.04 0.23 -15.88
C GLY A 38 -23.96 -0.74 -15.41
N ASP A 39 -24.02 -1.18 -14.15
CA ASP A 39 -23.07 -2.18 -13.56
C ASP A 39 -23.21 -3.58 -14.18
N GLU A 40 -24.08 -3.79 -15.17
CA GLU A 40 -24.12 -5.06 -15.96
C GLU A 40 -22.76 -5.43 -16.58
N ALA A 41 -21.95 -4.48 -17.05
CA ALA A 41 -20.62 -4.77 -17.65
C ALA A 41 -19.72 -5.47 -16.61
N ILE A 42 -19.83 -5.11 -15.35
CA ILE A 42 -19.02 -5.75 -14.26
C ILE A 42 -19.48 -7.20 -14.04
N THR A 43 -20.78 -7.41 -13.90
CA THR A 43 -21.41 -8.75 -13.76
C THR A 43 -21.01 -9.64 -14.95
N ALA A 44 -20.90 -9.09 -16.17
CA ALA A 44 -20.56 -9.86 -17.40
C ALA A 44 -19.11 -10.38 -17.30
N ILE A 45 -18.16 -9.52 -16.91
CA ILE A 45 -16.71 -9.81 -16.78
C ILE A 45 -16.57 -10.91 -15.70
N TRP A 46 -17.33 -10.80 -14.60
CA TRP A 46 -17.27 -11.71 -13.41
C TRP A 46 -17.76 -13.11 -13.82
N GLU A 47 -18.95 -13.19 -14.40
CA GLU A 47 -19.51 -14.46 -14.97
C GLU A 47 -18.50 -15.15 -15.89
N THR A 48 -17.86 -14.43 -16.82
CA THR A 48 -16.88 -15.01 -17.79
C THR A 48 -15.70 -15.62 -17.04
N ARG A 49 -15.18 -14.87 -16.05
CA ARG A 49 -14.02 -15.27 -15.24
C ARG A 49 -14.41 -16.51 -14.41
N LEU A 50 -15.58 -16.56 -13.79
CA LEU A 50 -15.97 -17.75 -12.98
C LEU A 50 -16.15 -18.99 -13.85
N LYS A 51 -16.57 -18.82 -15.10
CA LYS A 51 -16.82 -19.98 -16.00
C LYS A 51 -15.48 -20.58 -16.47
N ALA A 52 -14.36 -19.89 -16.24
CA ALA A 52 -12.98 -20.40 -16.50
C ALA A 52 -12.31 -20.88 -15.21
N GLN A 53 -12.53 -20.17 -14.11
CA GLN A 53 -11.92 -20.43 -12.77
C GLN A 53 -13.03 -20.44 -11.73
N PRO A 54 -13.86 -21.52 -11.66
CA PRO A 54 -15.02 -21.52 -10.75
C PRO A 54 -14.69 -21.53 -9.25
N TRP A 55 -13.41 -21.73 -8.87
CA TRP A 55 -12.95 -21.70 -7.44
C TRP A 55 -12.75 -20.27 -6.96
N LEU A 56 -12.79 -19.25 -7.84
CA LEU A 56 -12.56 -17.85 -7.41
C LEU A 56 -13.72 -17.39 -6.53
N PHE A 57 -13.46 -16.50 -5.58
CA PHE A 57 -14.49 -15.93 -4.65
C PHE A 57 -14.31 -14.43 -4.55
N ASP A 58 -15.43 -13.72 -4.43
CA ASP A 58 -15.46 -12.26 -4.17
C ASP A 58 -15.01 -12.04 -2.71
N ALA A 59 -14.67 -10.80 -2.40
CA ALA A 59 -14.35 -10.35 -1.04
C ALA A 59 -14.60 -8.85 -0.97
N PRO A 60 -15.12 -8.33 0.17
CA PRO A 60 -15.29 -6.88 0.34
C PRO A 60 -13.91 -6.22 0.55
N LYS A 61 -13.79 -4.94 0.17
CA LYS A 61 -12.57 -4.13 0.29
C LYS A 61 -12.97 -2.71 0.73
N PHE A 62 -12.07 -2.00 1.43
CA PHE A 62 -12.26 -0.54 1.64
C PHE A 62 -11.92 0.19 0.34
N ARG A 63 -12.68 1.24 0.03
CA ARG A 63 -12.43 2.16 -1.12
C ARG A 63 -11.85 3.46 -0.53
N LEU A 64 -10.76 3.96 -1.09
CA LEU A 64 -10.26 5.33 -0.76
C LEU A 64 -10.93 6.36 -1.66
N HIS A 65 -11.68 7.32 -1.09
CA HIS A 65 -12.22 8.48 -1.83
C HIS A 65 -11.23 9.65 -1.83
N SER A 66 -10.72 10.03 -0.65
CA SER A 66 -9.82 11.22 -0.45
C SER A 66 -9.24 11.21 0.97
N ALA A 67 -8.20 12.01 1.21
CA ALA A 67 -7.49 12.09 2.51
C ALA A 67 -7.07 13.54 2.72
N THR A 68 -7.51 14.19 3.81
CA THR A 68 -7.24 15.64 4.06
C THR A 68 -6.35 15.79 5.29
N LEU A 69 -5.15 16.38 5.11
CA LEU A 69 -4.20 16.68 6.21
C LEU A 69 -4.58 18.01 6.89
N ALA A 70 -4.54 18.02 8.22
CA ALA A 70 -4.72 19.23 9.07
C ALA A 70 -3.59 20.22 8.74
N PRO A 71 -3.71 21.52 9.07
CA PRO A 71 -2.56 22.42 8.99
C PRO A 71 -1.39 21.90 9.84
N ILE A 72 -0.15 21.97 9.33
CA ILE A 72 1.01 21.35 10.02
C ILE A 72 1.28 22.07 11.34
N GLY A 73 1.62 21.29 12.38
CA GLY A 73 1.97 21.84 13.71
C GLY A 73 0.77 21.95 14.63
N SER A 74 -0.43 21.57 14.18
CA SER A 74 -1.70 21.76 14.92
C SER A 74 -1.88 20.64 15.95
N ARG A 75 -2.73 20.90 16.93
CA ARG A 75 -3.16 19.93 17.98
C ARG A 75 -4.41 19.21 17.45
N GLY A 76 -4.76 18.07 18.04
CA GLY A 76 -5.92 17.26 17.61
C GLY A 76 -5.56 16.38 16.42
N PRO A 77 -6.57 15.64 15.88
CA PRO A 77 -6.36 14.76 14.73
C PRO A 77 -5.71 15.44 13.52
N GLN A 78 -4.76 14.76 12.92
CA GLN A 78 -3.87 15.31 11.87
C GLN A 78 -4.33 14.87 10.47
N LEU A 79 -5.10 13.79 10.34
CA LEU A 79 -5.52 13.26 9.02
C LEU A 79 -6.98 12.83 9.06
N LEU A 80 -7.76 13.14 8.03
CA LEU A 80 -9.10 12.51 7.86
C LEU A 80 -9.08 11.64 6.58
N LEU A 81 -9.36 10.34 6.71
CA LEU A 81 -9.55 9.43 5.54
C LEU A 81 -11.05 9.35 5.25
N ARG A 82 -11.48 9.64 4.02
CA ARG A 82 -12.87 9.40 3.57
C ARG A 82 -12.86 8.08 2.81
N LEU A 83 -13.59 7.09 3.31
CA LEU A 83 -13.57 5.70 2.81
C LEU A 83 -15.00 5.31 2.38
N GLY A 84 -15.10 4.50 1.32
CA GLY A 84 -16.35 3.80 1.02
C GLY A 84 -16.13 2.30 1.09
N LEU A 85 -17.01 1.51 0.46
CA LEU A 85 -16.82 0.04 0.34
C LEU A 85 -16.84 -0.34 -1.15
N THR A 86 -16.01 -1.32 -1.50
CA THR A 86 -15.91 -1.93 -2.86
C THR A 86 -15.71 -3.44 -2.69
N SER A 87 -15.23 -4.13 -3.73
CA SER A 87 -15.07 -5.60 -3.75
C SER A 87 -14.00 -5.97 -4.79
N TYR A 88 -13.46 -7.18 -4.67
CA TYR A 88 -12.57 -7.81 -5.67
C TYR A 88 -13.28 -7.86 -7.04
N ARG A 89 -14.58 -8.19 -7.06
CA ARG A 89 -15.39 -8.29 -8.32
C ARG A 89 -15.43 -6.94 -9.04
N ASP A 90 -15.71 -5.87 -8.28
CA ASP A 90 -15.78 -4.49 -8.83
C ASP A 90 -14.40 -4.08 -9.35
N PHE A 91 -13.33 -4.43 -8.63
CA PHE A 91 -11.93 -4.20 -9.10
C PHE A 91 -11.71 -4.86 -10.49
N LEU A 92 -12.06 -6.13 -10.65
CA LEU A 92 -11.77 -6.86 -11.91
C LEU A 92 -12.56 -6.19 -13.06
N GLY A 93 -13.73 -5.64 -12.79
CA GLY A 93 -14.56 -5.02 -13.85
C GLY A 93 -14.25 -3.56 -14.13
N THR A 94 -13.36 -2.89 -13.37
CA THR A 94 -13.07 -1.44 -13.61
C THR A 94 -11.55 -1.23 -13.69
N ASN A 95 -10.84 -1.12 -12.56
CA ASN A 95 -9.37 -0.90 -12.54
C ASN A 95 -8.61 -1.90 -13.44
N TRP A 96 -9.00 -3.16 -13.44
CA TRP A 96 -8.23 -4.24 -14.14
C TRP A 96 -8.75 -4.38 -15.58
N SER A 97 -9.88 -3.75 -15.92
CA SER A 97 -10.52 -3.82 -17.26
C SER A 97 -9.61 -3.21 -18.34
N SER A 98 -9.68 -3.71 -19.58
CA SER A 98 -8.92 -3.14 -20.72
C SER A 98 -9.38 -1.71 -21.00
N SER A 99 -10.63 -1.37 -20.64
N SER A 99 -10.63 -1.39 -20.63
CA SER A 99 -11.27 -0.06 -20.89
CA SER A 99 -11.32 -0.09 -20.88
C SER A 99 -11.09 0.90 -19.71
C SER A 99 -11.12 0.89 -19.69
N ALA A 100 -10.20 0.58 -18.76
CA ALA A 100 -10.00 1.41 -17.54
C ALA A 100 -9.70 2.87 -17.90
N ALA A 101 -8.89 3.16 -18.93
CA ALA A 101 -8.54 4.55 -19.30
C ALA A 101 -9.81 5.27 -19.79
N TRP A 102 -10.69 4.57 -20.52
CA TRP A 102 -11.98 5.19 -20.95
C TRP A 102 -12.81 5.58 -19.75
N LEU A 103 -12.87 4.72 -18.73
CA LEU A 103 -13.62 5.00 -17.49
C LEU A 103 -13.06 6.23 -16.79
N ARG A 104 -11.73 6.40 -16.77
CA ARG A 104 -11.10 7.60 -16.15
C ARG A 104 -11.52 8.88 -16.89
N GLN A 105 -11.49 8.86 -18.23
CA GLN A 105 -11.90 10.02 -19.08
C GLN A 105 -13.37 10.41 -18.82
N GLN A 106 -14.28 9.41 -18.78
N GLN A 106 -14.28 9.42 -18.76
CA GLN A 106 -15.74 9.58 -18.54
CA GLN A 106 -15.74 9.62 -18.56
C GLN A 106 -15.98 10.15 -17.14
C GLN A 106 -16.02 10.12 -17.13
N GLY A 107 -15.24 9.66 -16.14
CA GLY A 107 -15.30 10.20 -14.78
C GLY A 107 -14.91 11.68 -14.75
N ALA A 108 -13.85 12.08 -15.46
CA ALA A 108 -13.46 13.50 -15.63
C ALA A 108 -14.62 14.30 -16.25
N THR A 109 -15.20 13.82 -17.34
CA THR A 109 -16.31 14.48 -18.08
C THR A 109 -17.55 14.61 -17.16
N ASP A 110 -17.98 13.53 -16.51
CA ASP A 110 -19.32 13.43 -15.83
C ASP A 110 -19.26 13.97 -14.40
N TRP A 111 -18.18 13.74 -13.64
CA TRP A 111 -18.14 13.99 -12.19
C TRP A 111 -16.98 14.94 -11.82
N GLY A 112 -16.15 15.40 -12.77
CA GLY A 112 -14.86 16.07 -12.48
C GLY A 112 -13.95 15.27 -11.55
N ASP A 113 -13.84 13.97 -11.80
CA ASP A 113 -13.14 13.01 -10.88
C ASP A 113 -12.73 11.79 -11.70
N THR A 114 -11.43 11.64 -12.00
CA THR A 114 -10.93 10.54 -12.85
C THR A 114 -11.20 9.19 -12.20
N GLN A 115 -11.38 9.14 -10.88
CA GLN A 115 -11.60 7.85 -10.16
C GLN A 115 -13.10 7.50 -9.96
N ALA A 116 -14.08 8.32 -10.40
CA ALA A 116 -15.49 8.21 -9.95
C ALA A 116 -16.11 6.85 -10.31
N TYR A 117 -15.72 6.28 -11.44
CA TYR A 117 -16.23 4.97 -11.97
C TYR A 117 -15.29 3.80 -11.60
N LEU A 118 -14.28 4.02 -10.75
CA LEU A 118 -13.25 2.97 -10.46
C LEU A 118 -13.48 2.41 -9.05
N ALA A 119 -13.33 1.10 -8.87
CA ALA A 119 -13.43 0.43 -7.54
C ALA A 119 -12.41 1.03 -6.57
N ASP A 120 -11.13 1.15 -6.98
CA ASP A 120 -10.05 1.79 -6.18
C ASP A 120 -10.03 1.18 -4.77
N PRO A 121 -9.91 -0.15 -4.63
CA PRO A 121 -9.67 -0.79 -3.32
C PRO A 121 -8.38 -0.26 -2.65
N LEU A 122 -8.41 -0.03 -1.33
CA LEU A 122 -7.23 0.47 -0.56
C LEU A 122 -6.27 -0.68 -0.19
N GLY A 123 -5.03 -0.56 -0.64
CA GLY A 123 -3.95 -1.47 -0.24
C GLY A 123 -3.20 -1.00 0.99
N VAL A 124 -2.48 -1.90 1.66
CA VAL A 124 -1.48 -1.47 2.67
C VAL A 124 -0.10 -2.09 2.33
N GLY A 125 0.95 -1.41 2.69
CA GLY A 125 2.33 -1.85 2.43
C GLY A 125 3.25 -1.39 3.54
N ALA A 126 4.41 -2.03 3.73
CA ALA A 126 5.30 -1.68 4.85
C ALA A 126 6.75 -1.59 4.39
N ALA A 127 7.41 -0.49 4.79
CA ALA A 127 8.88 -0.38 4.91
C ALA A 127 9.20 -1.01 6.27
N LEU A 128 9.69 -2.26 6.24
CA LEU A 128 9.95 -3.08 7.46
C LEU A 128 11.46 -3.10 7.70
N ALA A 129 11.93 -2.46 8.79
CA ALA A 129 13.38 -2.31 9.10
C ALA A 129 13.76 -3.38 10.13
N THR A 130 14.98 -3.95 10.03
CA THR A 130 15.51 -4.94 10.99
C THR A 130 16.27 -4.21 12.12
N ALA A 131 16.66 -4.94 13.16
CA ALA A 131 17.39 -4.37 14.32
C ALA A 131 18.80 -3.95 13.85
N ASP A 132 19.34 -4.59 12.81
CA ASP A 132 20.69 -4.29 12.21
C ASP A 132 20.63 -3.32 11.01
N ASP A 133 19.51 -2.59 10.86
N ASP A 133 19.50 -2.64 10.80
CA ASP A 133 19.30 -1.44 9.93
CA ASP A 133 19.38 -1.43 9.93
C ASP A 133 19.34 -1.88 8.47
C ASP A 133 19.27 -1.81 8.44
N PHE A 134 18.48 -2.86 8.14
CA PHE A 134 18.14 -3.24 6.73
C PHE A 134 16.64 -3.04 6.54
N LEU A 135 16.20 -2.77 5.31
CA LEU A 135 14.78 -2.96 4.90
C LEU A 135 14.59 -4.33 4.23
N VAL A 136 13.38 -4.88 4.34
CA VAL A 136 13.03 -6.25 3.86
C VAL A 136 12.35 -6.19 2.50
N PHE A 137 12.73 -7.07 1.59
CA PHE A 137 12.19 -7.12 0.20
C PHE A 137 11.80 -8.58 -0.09
N LEU A 138 10.85 -8.76 -1.01
CA LEU A 138 10.29 -10.09 -1.38
C LEU A 138 10.23 -10.20 -2.88
N ARG A 139 10.51 -11.40 -3.41
CA ARG A 139 10.42 -11.69 -4.88
C ARG A 139 9.08 -12.33 -5.20
N ARG A 140 8.35 -11.72 -6.13
CA ARG A 140 6.98 -12.16 -6.54
C ARG A 140 7.09 -13.41 -7.43
N SER A 141 6.20 -14.37 -7.22
CA SER A 141 5.98 -15.52 -8.15
C SER A 141 5.94 -15.02 -9.60
N ARG A 142 6.51 -15.80 -10.54
CA ARG A 142 6.42 -15.52 -12.01
C ARG A 142 5.09 -16.03 -12.61
N GLN A 143 4.23 -16.71 -11.83
CA GLN A 143 2.99 -17.41 -12.29
C GLN A 143 1.70 -16.60 -12.03
N VAL A 144 1.75 -15.48 -11.29
CA VAL A 144 0.55 -14.72 -10.87
C VAL A 144 0.27 -13.64 -11.93
N ALA A 145 -0.92 -13.05 -11.94
CA ALA A 145 -1.39 -12.09 -12.96
C ALA A 145 -0.80 -10.69 -12.77
N GLU A 146 -0.67 -10.21 -11.52
CA GLU A 146 -0.19 -8.84 -11.20
C GLU A 146 1.33 -8.84 -10.98
N ALA A 147 2.05 -7.97 -11.70
CA ALA A 147 3.49 -7.71 -11.55
C ALA A 147 4.25 -9.01 -11.35
N PRO A 148 4.08 -10.05 -12.21
CA PRO A 148 4.77 -11.31 -12.01
C PRO A 148 6.29 -11.12 -12.00
N GLY A 149 6.95 -11.76 -11.06
CA GLY A 149 8.43 -11.82 -11.05
C GLY A 149 9.09 -10.53 -10.58
N LEU A 150 8.33 -9.53 -10.11
CA LEU A 150 8.89 -8.23 -9.66
C LEU A 150 9.22 -8.27 -8.16
N VAL A 151 10.00 -7.28 -7.71
CA VAL A 151 10.31 -7.10 -6.25
C VAL A 151 9.13 -6.42 -5.54
N ASP A 152 8.75 -6.89 -4.36
CA ASP A 152 7.68 -6.24 -3.58
C ASP A 152 8.15 -6.03 -2.12
N VAL A 153 7.31 -5.34 -1.33
CA VAL A 153 7.46 -5.23 0.15
C VAL A 153 6.26 -5.97 0.77
N PRO A 154 6.29 -6.32 2.08
CA PRO A 154 5.12 -6.91 2.71
C PRO A 154 3.84 -6.04 2.59
N GLY A 155 2.76 -6.59 2.08
CA GLY A 155 1.46 -5.88 2.21
C GLY A 155 0.29 -6.69 1.71
N GLY A 156 -0.86 -6.06 1.55
CA GLY A 156 -2.06 -6.71 1.00
C GLY A 156 -3.22 -5.75 0.90
N HIS A 157 -4.43 -6.26 0.74
CA HIS A 157 -5.66 -5.44 0.60
C HIS A 157 -6.63 -5.91 1.68
N PRO A 158 -6.76 -5.19 2.82
CA PRO A 158 -7.59 -5.66 3.93
C PRO A 158 -9.11 -5.67 3.67
N GLU A 159 -9.77 -6.64 4.31
CA GLU A 159 -11.21 -6.95 4.17
C GLU A 159 -11.92 -6.39 5.40
N PRO A 160 -12.93 -5.52 5.24
CA PRO A 160 -13.78 -5.08 6.34
C PRO A 160 -14.31 -6.20 7.26
N GLN A 161 -14.23 -5.99 8.59
CA GLN A 161 -14.58 -6.94 9.70
C GLN A 161 -14.42 -8.38 9.23
N ASP A 173 -16.49 9.66 14.02
CA ASP A 173 -15.35 8.70 14.02
C ASP A 173 -15.75 7.44 14.80
N LEU A 174 -17.03 7.07 14.84
CA LEU A 174 -17.53 6.06 15.82
C LEU A 174 -17.64 4.66 15.23
N ALA A 175 -17.87 4.50 13.93
CA ALA A 175 -17.38 3.30 13.18
C ALA A 175 -15.97 3.63 12.62
N GLY A 176 -15.63 4.93 12.54
CA GLY A 176 -14.33 5.48 12.08
C GLY A 176 -13.13 4.88 12.78
N GLN A 177 -13.12 4.84 14.11
CA GLN A 177 -11.93 4.46 14.91
C GLN A 177 -11.70 2.95 14.78
N LEU A 178 -12.77 2.18 14.57
CA LEU A 178 -12.66 0.72 14.37
C LEU A 178 -12.04 0.47 13.00
N VAL A 179 -12.38 1.29 12.00
CA VAL A 179 -11.78 1.17 10.65
C VAL A 179 -10.28 1.52 10.68
N VAL A 180 -9.88 2.61 11.35
CA VAL A 180 -8.43 2.93 11.49
C VAL A 180 -7.75 1.76 12.23
N HIS A 181 -8.32 1.24 13.32
CA HIS A 181 -7.72 0.07 14.03
C HIS A 181 -7.46 -1.10 13.05
N GLU A 182 -8.44 -1.45 12.21
N GLU A 182 -8.45 -1.42 12.20
CA GLU A 182 -8.32 -2.59 11.26
CA GLU A 182 -8.35 -2.55 11.25
C GLU A 182 -7.23 -2.31 10.21
C GLU A 182 -7.23 -2.29 10.23
N LEU A 183 -7.09 -1.05 9.75
CA LEU A 183 -6.01 -0.70 8.81
C LEU A 183 -4.63 -0.98 9.46
N PHE A 184 -4.32 -0.42 10.64
CA PHE A 184 -3.02 -0.61 11.32
C PHE A 184 -2.77 -2.10 11.66
N SER A 185 -3.80 -2.78 12.19
N SER A 185 -3.79 -2.82 12.16
CA SER A 185 -3.81 -4.23 12.52
CA SER A 185 -3.62 -4.25 12.54
C SER A 185 -3.41 -5.05 11.28
C SER A 185 -3.45 -5.12 11.28
N SER A 186 -4.05 -4.75 10.15
CA SER A 186 -3.88 -5.51 8.88
C SER A 186 -2.43 -5.47 8.40
N VAL A 187 -1.72 -4.36 8.51
CA VAL A 187 -0.30 -4.35 8.00
C VAL A 187 0.57 -5.28 8.89
N LEU A 188 0.34 -5.33 10.22
CA LEU A 188 1.06 -6.29 11.12
C LEU A 188 0.70 -7.72 10.74
N GLN A 189 -0.60 -7.99 10.58
CA GLN A 189 -1.09 -9.34 10.21
C GLN A 189 -0.45 -9.75 8.87
N GLU A 190 -0.30 -8.85 7.88
CA GLU A 190 0.27 -9.22 6.54
C GLU A 190 1.76 -9.58 6.74
N ILE A 191 2.48 -8.89 7.62
CA ILE A 191 3.92 -9.20 7.91
C ILE A 191 4.00 -10.59 8.58
N CYS A 192 3.19 -10.85 9.61
CA CYS A 192 3.18 -12.17 10.29
C CYS A 192 2.85 -13.29 9.27
N ASP A 193 1.85 -13.11 8.41
CA ASP A 193 1.37 -14.15 7.43
C ASP A 193 2.44 -14.48 6.38
N GLU A 194 3.14 -13.49 5.81
CA GLU A 194 4.04 -13.73 4.65
C GLU A 194 5.48 -13.86 5.14
N VAL A 195 5.92 -13.09 6.15
CA VAL A 195 7.35 -13.13 6.55
C VAL A 195 7.52 -14.19 7.66
N ASN A 196 6.43 -14.57 8.33
CA ASN A 196 6.44 -15.63 9.36
C ASN A 196 7.19 -15.12 10.62
N LEU A 197 7.10 -13.81 10.90
CA LEU A 197 7.61 -13.18 12.12
C LEU A 197 6.58 -13.26 13.26
N PRO A 198 7.04 -13.43 14.52
CA PRO A 198 6.13 -13.34 15.67
C PRO A 198 5.63 -11.89 15.82
N LEU A 199 4.35 -11.73 16.12
CA LEU A 199 3.72 -10.40 16.28
C LEU A 199 4.46 -9.54 17.30
N LEU A 200 4.93 -10.14 18.40
CA LEU A 200 5.63 -9.42 19.50
C LEU A 200 7.01 -8.88 19.09
N THR A 201 7.56 -9.25 17.93
CA THR A 201 8.85 -8.66 17.44
C THR A 201 8.57 -7.35 16.68
N LEU A 202 7.31 -6.92 16.54
CA LEU A 202 6.94 -5.76 15.66
C LEU A 202 6.49 -4.53 16.48
N SER A 203 6.95 -3.32 16.12
CA SER A 203 6.51 -2.00 16.63
C SER A 203 5.09 -1.71 16.14
N GLN A 204 4.39 -0.81 16.81
CA GLN A 204 3.12 -0.23 16.28
C GLN A 204 3.49 0.56 15.00
N PRO A 205 2.74 0.39 13.91
CA PRO A 205 3.05 1.09 12.65
C PRO A 205 2.89 2.61 12.74
N LEU A 206 3.68 3.33 11.93
CA LEU A 206 3.48 4.78 11.64
C LEU A 206 3.05 4.87 10.17
N LEU A 207 2.02 5.66 9.88
CA LEU A 207 1.59 5.95 8.47
C LEU A 207 2.56 6.98 7.83
N LEU A 208 3.31 6.57 6.80
CA LEU A 208 4.19 7.50 6.05
C LEU A 208 3.41 8.33 5.06
N GLY A 209 2.44 7.74 4.35
CA GLY A 209 1.69 8.48 3.33
C GLY A 209 0.84 7.54 2.50
N ILE A 210 0.35 8.05 1.37
CA ILE A 210 -0.51 7.29 0.44
C ILE A 210 0.04 7.50 -0.96
N ALA A 211 0.18 6.40 -1.72
CA ALA A 211 0.78 6.40 -3.07
C ALA A 211 -0.25 5.80 -4.02
N ARG A 212 -0.30 6.27 -5.27
CA ARG A 212 -1.19 5.73 -6.33
C ARG A 212 -0.37 4.94 -7.36
N ASN A 213 -0.90 3.80 -7.82
CA ASN A 213 -0.36 2.89 -8.88
C ASN A 213 -1.05 3.26 -10.19
N GLU A 214 -0.37 4.03 -11.02
CA GLU A 214 -0.90 4.54 -12.32
C GLU A 214 -0.92 3.40 -13.38
N THR A 215 -0.40 2.21 -13.09
CA THR A 215 -0.49 1.00 -13.97
C THR A 215 -1.76 0.22 -13.67
N SER A 216 -2.37 0.45 -12.50
CA SER A 216 -3.66 -0.14 -12.09
C SER A 216 -4.73 0.95 -12.00
N ALA A 217 -4.72 1.93 -12.94
CA ALA A 217 -5.71 3.03 -13.08
C ALA A 217 -5.79 3.91 -11.83
N GLY A 218 -4.71 4.00 -11.07
CA GLY A 218 -4.60 4.94 -9.94
C GLY A 218 -5.12 4.40 -8.60
N ARG A 219 -5.26 3.08 -8.45
CA ARG A 219 -5.63 2.55 -7.11
C ARG A 219 -4.49 2.78 -6.08
N ALA A 220 -4.88 3.12 -4.86
CA ALA A 220 -4.00 3.75 -3.84
C ALA A 220 -3.62 2.71 -2.78
N SER A 221 -2.43 2.82 -2.20
CA SER A 221 -1.98 2.03 -1.03
C SER A 221 -1.51 2.99 0.08
N ALA A 222 -1.92 2.73 1.31
CA ALA A 222 -1.34 3.35 2.54
C ALA A 222 0.00 2.67 2.80
N GLU A 223 1.08 3.44 2.94
CA GLU A 223 2.45 2.95 3.14
C GLU A 223 2.89 3.26 4.59
N PHE A 224 3.24 2.22 5.37
CA PHE A 224 3.61 2.29 6.83
C PHE A 224 5.08 1.94 7.10
N TYR A 225 5.65 2.49 8.18
CA TYR A 225 6.98 2.12 8.70
C TYR A 225 6.75 1.21 9.91
N VAL A 226 7.44 0.06 9.95
CA VAL A 226 7.38 -0.92 11.08
C VAL A 226 8.84 -1.32 11.37
N GLN A 227 9.21 -1.32 12.66
N GLN A 227 9.23 -1.28 12.65
CA GLN A 227 10.55 -1.73 13.14
CA GLN A 227 10.55 -1.74 13.15
C GLN A 227 10.43 -3.13 13.76
C GLN A 227 10.40 -3.16 13.71
N CYS A 228 11.37 -4.03 13.43
CA CYS A 228 11.44 -5.40 13.96
C CYS A 228 12.62 -5.47 14.92
N SER A 229 12.48 -6.25 16.01
CA SER A 229 13.55 -6.38 17.03
C SER A 229 14.57 -7.47 16.64
N LEU A 230 14.27 -8.26 15.60
CA LEU A 230 15.19 -9.30 15.05
C LEU A 230 16.16 -8.68 14.03
N THR A 231 17.36 -9.25 13.92
CA THR A 231 18.33 -8.94 12.86
C THR A 231 17.86 -9.53 11.52
N SER A 232 18.46 -9.08 10.41
CA SER A 232 18.27 -9.60 9.04
C SER A 232 18.48 -11.14 9.00
N GLU A 233 19.56 -11.65 9.60
CA GLU A 233 19.80 -13.13 9.62
C GLU A 233 18.62 -13.83 10.32
N GLN A 234 18.14 -13.32 11.44
CA GLN A 234 17.01 -13.94 12.19
C GLN A 234 15.69 -13.87 11.39
N VAL A 235 15.41 -12.75 10.70
CA VAL A 235 14.18 -12.60 9.85
C VAL A 235 14.22 -13.66 8.73
N ARG A 236 15.36 -13.80 8.07
CA ARG A 236 15.58 -14.78 6.97
C ARG A 236 15.25 -16.18 7.47
N LYS A 237 15.75 -16.54 8.66
CA LYS A 237 15.51 -17.91 9.23
C LYS A 237 14.00 -18.14 9.41
N HIS A 238 13.29 -17.14 9.97
CA HIS A 238 11.83 -17.26 10.25
C HIS A 238 11.08 -17.48 8.93
N TYR A 239 11.35 -16.65 7.90
CA TYR A 239 10.73 -16.75 6.55
C TYR A 239 10.95 -18.15 5.97
N LEU A 240 12.20 -18.64 5.93
CA LEU A 240 12.51 -19.94 5.25
C LEU A 240 11.97 -21.12 6.06
N SER A 241 11.97 -21.02 7.39
CA SER A 241 11.55 -22.12 8.32
C SER A 241 10.09 -22.53 8.10
N GLY A 242 9.27 -21.73 7.41
CA GLY A 242 7.87 -22.10 7.12
C GLY A 242 7.77 -23.06 5.94
N GLY A 243 8.77 -23.06 5.06
CA GLY A 243 8.77 -23.90 3.84
C GLY A 243 8.09 -23.19 2.68
N PRO A 244 8.16 -23.76 1.46
CA PRO A 244 7.54 -23.17 0.27
C PRO A 244 6.05 -22.83 0.37
N GLU A 245 5.27 -23.58 1.14
CA GLU A 245 3.79 -23.38 1.32
C GLU A 245 3.46 -22.33 2.38
N ALA A 246 4.42 -21.86 3.16
CA ALA A 246 4.16 -20.84 4.19
C ALA A 246 4.16 -19.42 3.56
N HIS A 247 4.50 -19.25 2.28
CA HIS A 247 4.58 -17.89 1.68
C HIS A 247 4.24 -17.91 0.18
N GLU A 248 3.63 -16.82 -0.32
CA GLU A 248 3.25 -16.66 -1.75
C GLU A 248 4.46 -16.20 -2.57
N SER A 249 5.35 -15.41 -1.95
CA SER A 249 6.63 -14.97 -2.57
C SER A 249 7.57 -16.17 -2.71
N THR A 250 8.62 -16.01 -3.52
CA THR A 250 9.60 -17.10 -3.83
C THR A 250 11.01 -16.80 -3.29
N GLY A 251 11.24 -15.65 -2.66
CA GLY A 251 12.48 -15.36 -1.93
C GLY A 251 12.35 -14.09 -1.07
N ILE A 252 13.30 -13.92 -0.17
CA ILE A 252 13.46 -12.72 0.72
C ILE A 252 14.89 -12.18 0.49
N PHE A 253 15.06 -10.85 0.54
CA PHE A 253 16.40 -10.24 0.63
C PHE A 253 16.37 -8.90 1.37
N PHE A 254 17.53 -8.33 1.66
CA PHE A 254 17.69 -7.14 2.56
C PHE A 254 18.62 -6.11 1.90
N VAL A 255 18.30 -4.80 1.99
CA VAL A 255 19.16 -3.66 1.56
C VAL A 255 19.42 -2.78 2.79
N GLU A 256 20.68 -2.43 3.04
CA GLU A 256 21.04 -1.52 4.16
C GLU A 256 20.26 -0.22 4.00
N THR A 257 19.74 0.36 5.09
CA THR A 257 18.99 1.64 5.01
C THR A 257 19.92 2.71 4.43
N GLN A 258 21.22 2.63 4.68
CA GLN A 258 22.25 3.52 4.04
C GLN A 258 22.07 3.54 2.51
N ASN A 259 21.81 2.40 1.90
CA ASN A 259 21.77 2.22 0.42
C ASN A 259 20.36 2.48 -0.15
N VAL A 260 19.33 2.53 0.69
CA VAL A 260 17.92 2.81 0.22
C VAL A 260 17.83 4.24 -0.31
N ARG A 261 18.54 5.19 0.32
CA ARG A 261 18.60 6.60 -0.12
C ARG A 261 18.79 6.70 -1.65
N ARG A 262 19.64 5.89 -2.27
CA ARG A 262 20.00 6.04 -3.71
C ARG A 262 19.42 4.88 -4.54
N LEU A 263 18.46 4.13 -3.99
CA LEU A 263 17.86 2.96 -4.72
C LEU A 263 17.29 3.33 -6.10
N PRO A 264 16.61 4.50 -6.29
CA PRO A 264 16.10 4.89 -7.60
C PRO A 264 17.18 5.05 -8.68
N GLU A 265 18.44 5.05 -8.27
CA GLU A 265 19.59 5.16 -9.22
C GLU A 265 20.20 3.79 -9.51
N THR A 266 19.66 2.69 -8.96
CA THR A 266 20.22 1.33 -9.12
C THR A 266 19.42 0.57 -10.21
N GLU A 267 19.98 -0.55 -10.67
CA GLU A 267 19.29 -1.54 -11.56
C GLU A 267 18.13 -2.24 -10.82
N MET A 268 18.09 -2.17 -9.49
CA MET A 268 16.97 -2.77 -8.70
C MET A 268 15.68 -1.98 -9.00
N TRP A 269 15.79 -0.67 -9.29
CA TRP A 269 14.60 0.21 -9.40
C TRP A 269 13.65 -0.31 -10.50
N ALA A 270 14.19 -0.78 -11.63
CA ALA A 270 13.40 -1.33 -12.77
C ALA A 270 12.64 -2.60 -12.37
N GLU A 271 13.11 -3.34 -11.36
CA GLU A 271 12.49 -4.60 -10.93
C GLU A 271 11.44 -4.38 -9.84
N LEU A 272 11.31 -3.17 -9.27
CA LEU A 272 10.31 -2.91 -8.20
C LEU A 272 8.90 -2.68 -8.76
N CYS A 273 7.90 -3.35 -8.24
CA CYS A 273 6.48 -3.08 -8.56
C CYS A 273 6.07 -1.70 -8.03
N PRO A 274 5.11 -1.05 -8.70
CA PRO A 274 4.73 0.35 -8.39
C PRO A 274 4.40 0.62 -6.91
N SER A 275 3.68 -0.29 -6.24
CA SER A 275 3.31 -0.10 -4.82
C SER A 275 4.57 -0.18 -3.93
N ALA A 276 5.55 -1.02 -4.26
CA ALA A 276 6.85 -1.06 -3.52
C ALA A 276 7.68 0.23 -3.79
N LYS A 277 7.63 0.78 -4.99
CA LYS A 277 8.28 2.10 -5.28
C LYS A 277 7.70 3.17 -4.37
N GLY A 278 6.37 3.17 -4.22
CA GLY A 278 5.64 4.08 -3.31
C GLY A 278 6.14 4.02 -1.86
N ALA A 279 6.26 2.80 -1.31
CA ALA A 279 6.78 2.58 0.06
C ALA A 279 8.21 3.13 0.17
N ILE A 280 9.08 2.86 -0.80
CA ILE A 280 10.49 3.32 -0.68
C ILE A 280 10.57 4.85 -0.86
N ILE A 281 9.82 5.44 -1.79
CA ILE A 281 9.83 6.93 -1.95
C ILE A 281 9.42 7.61 -0.63
N LEU A 282 8.32 7.14 -0.03
CA LEU A 282 7.79 7.74 1.21
C LEU A 282 8.76 7.45 2.38
N TYR A 283 9.40 6.28 2.47
CA TYR A 283 10.40 5.99 3.52
C TYR A 283 11.55 7.01 3.41
N ASN A 284 12.03 7.25 2.21
CA ASN A 284 13.14 8.21 1.95
C ASN A 284 12.72 9.63 2.35
N ARG A 285 11.46 10.04 2.11
CA ARG A 285 11.04 11.45 2.32
C ARG A 285 10.69 11.71 3.79
N VAL A 286 10.12 10.70 4.48
CA VAL A 286 9.45 10.87 5.79
C VAL A 286 10.33 10.35 6.94
N GLN A 287 10.94 9.16 6.83
CA GLN A 287 11.87 8.62 7.85
C GLN A 287 13.34 9.02 7.52
N GLY A 288 13.76 9.04 6.27
CA GLY A 288 15.09 9.56 5.92
C GLY A 288 15.06 11.09 5.92
N SER A 289 15.92 11.74 5.11
CA SER A 289 15.95 13.21 4.86
C SER A 289 15.94 13.98 6.19
N PRO A 290 17.08 14.01 6.93
CA PRO A 290 17.14 14.69 8.23
C PRO A 290 16.98 16.22 8.09
N THR A 291 16.34 16.84 9.09
CA THR A 291 15.99 18.28 9.16
C THR A 291 16.98 19.02 10.09
N GLY A 292 17.73 18.31 10.94
CA GLY A 292 18.52 18.91 12.05
C GLY A 292 20.01 19.01 11.74
N ALA A 293 20.73 19.85 12.50
CA ALA A 293 22.18 20.13 12.36
C ALA A 293 22.99 18.83 12.50
N ALA A 294 22.67 17.98 13.48
CA ALA A 294 23.44 16.75 13.81
C ALA A 294 23.37 15.72 12.67
N LEU A 295 22.18 15.17 12.36
CA LEU A 295 22.01 14.15 11.27
C LEU A 295 22.24 14.78 9.88
N GLY A 296 22.22 16.12 9.78
CA GLY A 296 22.43 16.89 8.54
C GLY A 296 23.91 17.11 8.19
N SER A 297 24.80 17.10 9.19
CA SER A 297 26.29 17.28 9.05
C SER A 297 26.86 16.41 7.92
N PRO A 298 27.79 16.93 7.07
CA PRO A 298 28.40 16.16 5.97
C PRO A 298 28.85 14.70 6.21
N ALA A 299 29.49 14.40 7.34
CA ALA A 299 29.99 13.02 7.68
C ALA A 299 28.82 12.02 7.75
N LEU A 300 27.66 12.45 8.30
CA LEU A 300 26.46 11.57 8.51
C LEU A 300 25.52 11.66 7.30
N LEU A 301 25.50 12.78 6.55
CA LEU A 301 24.69 12.92 5.30
C LEU A 301 25.62 13.26 4.14
N PRO A 302 26.34 12.24 3.60
CA PRO A 302 27.22 12.46 2.45
C PRO A 302 26.54 13.17 1.27
N PRO A 303 27.12 14.27 0.73
CA PRO A 303 26.57 14.92 -0.46
C PRO A 303 26.61 14.05 -1.75
N LEU A 304 25.56 14.17 -2.57
CA LEU A 304 25.35 13.45 -3.87
C LEU A 304 24.99 11.99 -3.60
N1 RU4 B . 0.45 -10.00 1.34
N3 RU4 B . 4.23 -12.52 -4.09
C4 RU4 B . 2.86 -10.44 0.42
C5 RU4 B . 3.83 -9.99 -0.47
C6 RU4 B . 3.92 -10.58 -1.72
C7 RU4 B . 3.06 -11.60 -2.10
C8 RU4 B . 2.08 -12.01 -1.21
C10 RU4 B . 3.07 -12.24 -3.42
C1 RU4 B . -1.91 -10.08 0.71
C11 RU4 B . 1.99 -12.66 -4.12
C2 RU4 B . -0.73 -10.84 1.19
C3 RU4 B . 1.41 -10.24 2.24
C9 RU4 B . 1.99 -11.44 0.04
N2 RU4 B . 4.08 -13.23 -5.20
O1 RU4 B . 1.29 -10.80 3.30
O2 RU4 B . 2.65 -9.90 1.70
S1 RU4 B . 2.44 -13.51 -5.49
S DMS C . 7.92 -18.83 -9.67
O DMS C . 8.23 -19.82 -8.57
C1 DMS C . 9.45 -18.03 -10.04
C2 DMS C . 7.79 -19.79 -11.17
S DMS D . 2.34 -5.26 18.40
O DMS D . 2.99 -6.11 19.47
C1 DMS D . 2.98 -5.86 16.87
C2 DMS D . 0.67 -5.84 18.24
S DMS E . -21.03 17.09 -16.73
O DMS E . -20.51 18.05 -15.67
C1 DMS E . -22.33 16.22 -15.97
C2 DMS E . -22.06 18.03 -17.83
S DMS F . 3.13 -3.62 -1.83
O DMS F . 2.41 -3.83 -3.13
C1 DMS F . 2.39 -2.20 -1.05
C2 DMS F . 2.56 -4.89 -0.74
#